data_3IDU
#
_entry.id   3IDU
#
_cell.length_a   24.551
_cell.length_b   72.665
_cell.length_c   58.456
_cell.angle_alpha   90.000
_cell.angle_beta   93.440
_cell.angle_gamma   90.000
#
_symmetry.space_group_name_H-M   'P 1 21 1'
#
loop_
_entity.id
_entity.type
_entity.pdbx_description
1 polymer 'Uncharacterized protein'
2 non-polymer 'MANGANESE (II) ION'
3 water water
#
_entity_poly.entity_id   1
_entity_poly.type   'polypeptide(L)'
_entity_poly.pdbx_seq_one_letter_code
;(MSE)TDYDKLSNLATTFEFPDLTVEIKGPDVVGVNKLAEYEVHVKNLGGIGVPSTKVRVYINGTLYKNWTVSLGPKEEK
VLTFNWTPTQEG(MSE)YRINATVDEENTVVELNENNNVATFDVSVVLEHHHHHH
;
_entity_poly.pdbx_strand_id   A,B
#
# COMPACT_ATOMS: atom_id res chain seq x y z
N THR A 2 1.21 -14.06 -7.98
CA THR A 2 1.80 -13.28 -9.11
C THR A 2 2.65 -12.12 -8.61
N ASP A 3 2.48 -11.76 -7.35
CA ASP A 3 3.24 -10.67 -6.76
C ASP A 3 4.71 -11.04 -6.54
N TYR A 4 5.60 -10.21 -7.05
CA TYR A 4 7.04 -10.41 -6.90
C TYR A 4 7.72 -9.05 -6.77
N ASP A 5 8.55 -8.92 -5.74
CA ASP A 5 9.29 -7.69 -5.48
C ASP A 5 10.60 -8.04 -4.76
N LYS A 6 11.37 -7.04 -4.36
CA LYS A 6 12.64 -7.33 -3.69
C LYS A 6 12.49 -8.04 -2.35
N LEU A 7 11.24 -8.24 -1.94
CA LEU A 7 10.97 -8.93 -0.68
C LEU A 7 10.23 -10.23 -0.96
N SER A 8 9.96 -10.49 -2.24
CA SER A 8 9.25 -11.70 -2.65
C SER A 8 9.80 -12.32 -3.93
N ASN A 9 10.40 -13.49 -3.80
CA ASN A 9 10.95 -14.21 -4.94
C ASN A 9 10.27 -15.55 -5.09
N LEU A 10 10.28 -16.09 -6.31
CA LEU A 10 9.66 -17.37 -6.58
C LEU A 10 10.38 -18.52 -5.86
N THR A 13 9.11 -24.23 -4.27
CA THR A 13 8.78 -24.97 -3.06
C THR A 13 7.41 -24.58 -2.51
N PHE A 14 6.64 -25.58 -2.10
CA PHE A 14 5.30 -25.36 -1.55
C PHE A 14 5.12 -26.15 -0.28
N GLU A 15 6.22 -26.71 0.22
CA GLU A 15 6.15 -27.51 1.44
C GLU A 15 6.36 -26.72 2.72
N PHE A 16 6.57 -25.41 2.61
CA PHE A 16 6.79 -24.60 3.81
C PHE A 16 6.18 -23.21 3.71
N PRO A 17 5.77 -22.65 4.85
CA PRO A 17 5.22 -21.30 4.76
C PRO A 17 6.44 -20.39 4.80
N ASP A 18 6.23 -19.09 4.57
CA ASP A 18 7.33 -18.13 4.69
C ASP A 18 6.72 -16.78 4.99
N LEU A 19 6.81 -16.43 6.26
CA LEU A 19 6.27 -15.18 6.74
C LEU A 19 7.22 -14.02 6.49
N THR A 20 6.67 -12.87 6.09
CA THR A 20 7.48 -11.69 5.86
C THR A 20 6.67 -10.47 6.29
N VAL A 21 7.36 -9.37 6.55
CA VAL A 21 6.70 -8.14 6.96
C VAL A 21 7.33 -6.91 6.32
N GLU A 22 6.50 -5.90 6.10
CA GLU A 22 6.94 -4.65 5.51
C GLU A 22 6.09 -3.54 6.10
N ILE A 23 6.70 -2.38 6.36
CA ILE A 23 5.99 -1.25 6.93
C ILE A 23 5.84 -0.18 5.85
N LYS A 24 4.67 0.46 5.80
CA LYS A 24 4.44 1.52 4.83
C LYS A 24 3.74 2.70 5.50
N GLY A 25 4.17 3.91 5.18
CA GLY A 25 3.57 5.09 5.77
C GLY A 25 4.48 6.29 5.63
N PRO A 26 4.10 7.46 6.18
CA PRO A 26 4.94 8.67 6.09
C PRO A 26 6.28 8.52 6.78
N ASP A 27 7.34 8.92 6.08
CA ASP A 27 8.69 8.86 6.61
C ASP A 27 9.02 10.16 7.35
N VAL A 28 8.07 11.10 7.31
CA VAL A 28 8.21 12.39 7.97
C VAL A 28 6.86 12.80 8.53
N VAL A 29 6.81 13.01 9.85
CA VAL A 29 5.57 13.41 10.50
C VAL A 29 5.78 14.58 11.45
N GLY A 30 4.70 15.32 11.72
CA GLY A 30 4.79 16.45 12.61
C GLY A 30 4.32 16.14 14.02
N VAL A 31 4.99 16.72 15.01
CA VAL A 31 4.65 16.49 16.41
C VAL A 31 3.15 16.71 16.65
N ASN A 32 2.56 15.83 17.46
CA ASN A 32 1.15 15.91 17.82
C ASN A 32 0.22 15.83 16.60
N LYS A 33 0.66 15.11 15.58
CA LYS A 33 -0.13 14.93 14.36
C LYS A 33 -0.42 13.46 14.11
N LEU A 34 -1.68 13.14 13.86
CA LEU A 34 -2.10 11.77 13.60
C LEU A 34 -1.45 11.22 12.33
N ALA A 35 -0.76 10.09 12.48
CA ALA A 35 -0.10 9.46 11.34
C ALA A 35 -0.60 8.02 11.23
N GLU A 36 -0.90 7.59 9.99
CA GLU A 36 -1.39 6.24 9.76
C GLU A 36 -0.36 5.38 9.03
N TYR A 37 -0.04 4.23 9.61
CA TYR A 37 0.93 3.32 9.01
C TYR A 37 0.29 1.98 8.69
N GLU A 38 0.91 1.23 7.81
CA GLU A 38 0.39 -0.09 7.45
C GLU A 38 1.48 -1.13 7.56
N VAL A 39 1.13 -2.27 8.14
CA VAL A 39 2.06 -3.37 8.27
C VAL A 39 1.55 -4.43 7.30
N HIS A 40 2.34 -4.72 6.28
CA HIS A 40 1.99 -5.72 5.28
C HIS A 40 2.62 -7.05 5.66
N VAL A 41 1.80 -8.01 6.07
CA VAL A 41 2.30 -9.33 6.46
C VAL A 41 1.89 -10.33 5.38
N LYS A 42 2.87 -11.09 4.88
CA LYS A 42 2.58 -12.04 3.82
C LYS A 42 3.11 -13.43 4.10
N ASN A 43 2.49 -14.42 3.48
CA ASN A 43 2.93 -15.80 3.59
C ASN A 43 3.27 -16.16 2.16
N LEU A 44 4.57 -16.19 1.84
CA LEU A 44 5.01 -16.50 0.49
C LEU A 44 4.98 -18.00 0.20
N GLY A 45 4.78 -18.80 1.24
CA GLY A 45 4.79 -20.25 1.10
C GLY A 45 3.51 -20.94 0.66
N GLY A 46 3.61 -22.24 0.43
CA GLY A 46 2.47 -23.03 -0.01
C GLY A 46 1.71 -23.71 1.13
N ILE A 47 2.16 -23.48 2.36
CA ILE A 47 1.52 -24.03 3.54
C ILE A 47 1.02 -22.85 4.36
N GLY A 48 -0.20 -22.95 4.87
CA GLY A 48 -0.75 -21.87 5.65
C GLY A 48 -0.22 -21.77 7.07
N VAL A 49 -0.55 -20.65 7.72
CA VAL A 49 -0.14 -20.38 9.09
C VAL A 49 -1.39 -20.02 9.88
N PRO A 50 -1.95 -21.00 10.62
CA PRO A 50 -3.15 -20.78 11.43
C PRO A 50 -3.04 -19.66 12.44
N SER A 51 -1.85 -19.48 13.01
CA SER A 51 -1.66 -18.44 14.01
C SER A 51 -0.21 -18.04 14.23
N THR A 52 0.05 -16.74 14.16
CA THR A 52 1.38 -16.21 14.42
C THR A 52 1.24 -14.79 14.93
N LYS A 53 2.25 -14.34 15.65
CA LYS A 53 2.21 -13.00 16.23
C LYS A 53 2.98 -11.97 15.42
N VAL A 54 2.38 -10.79 15.30
CA VAL A 54 3.01 -9.67 14.61
C VAL A 54 3.15 -8.59 15.67
N ARG A 55 4.31 -7.93 15.69
CA ARG A 55 4.56 -6.89 16.66
C ARG A 55 5.20 -5.67 16.01
N VAL A 56 4.84 -4.49 16.51
CA VAL A 56 5.39 -3.25 16.02
C VAL A 56 6.07 -2.57 17.20
N TYR A 57 7.29 -2.12 16.97
CA TYR A 57 8.11 -1.45 17.97
C TYR A 57 8.48 -0.07 17.46
N ILE A 58 8.61 0.87 18.40
CA ILE A 58 9.00 2.23 18.06
C ILE A 58 10.21 2.49 18.96
N ASN A 59 11.38 2.67 18.34
CA ASN A 59 12.63 2.88 19.08
C ASN A 59 12.86 1.76 20.11
N GLY A 60 12.60 0.53 19.67
CA GLY A 60 12.81 -0.63 20.52
C GLY A 60 11.75 -0.98 21.54
N THR A 61 10.82 -0.07 21.77
CA THR A 61 9.76 -0.34 22.74
C THR A 61 8.49 -0.79 22.02
N LEU A 62 7.92 -1.90 22.48
CA LEU A 62 6.72 -2.46 21.88
C LEU A 62 5.60 -1.43 21.86
N TYR A 63 4.91 -1.35 20.72
CA TYR A 63 3.82 -0.41 20.55
C TYR A 63 2.49 -1.13 20.35
N LYS A 64 2.44 -2.08 19.42
CA LYS A 64 1.18 -2.77 19.18
C LYS A 64 1.42 -4.22 18.79
N ASN A 65 0.46 -5.08 19.10
CA ASN A 65 0.59 -6.48 18.77
C ASN A 65 -0.68 -7.02 18.13
N TRP A 66 -0.48 -8.01 17.25
CA TRP A 66 -1.56 -8.66 16.52
C TRP A 66 -1.31 -10.16 16.51
N THR A 67 -2.39 -10.91 16.35
CA THR A 67 -2.31 -12.36 16.24
C THR A 67 -3.04 -12.60 14.92
N VAL A 68 -2.34 -13.05 13.89
CA VAL A 68 -3.00 -13.25 12.61
C VAL A 68 -2.80 -14.64 12.02
N SER A 69 -3.62 -14.94 11.02
CA SER A 69 -3.54 -16.20 10.31
C SER A 69 -3.31 -15.83 8.86
N LEU A 70 -2.59 -16.68 8.13
CA LEU A 70 -2.31 -16.41 6.73
C LEU A 70 -2.26 -17.70 5.93
N GLY A 71 -3.15 -17.82 4.97
CA GLY A 71 -3.16 -19.00 4.13
C GLY A 71 -2.00 -18.92 3.16
N PRO A 72 -1.78 -19.97 2.36
CA PRO A 72 -0.69 -19.93 1.40
C PRO A 72 -0.81 -18.75 0.45
N LYS A 73 0.31 -18.08 0.19
CA LYS A 73 0.36 -16.94 -0.71
C LYS A 73 -0.65 -15.85 -0.34
N GLU A 74 -0.98 -15.71 0.94
CA GLU A 74 -1.93 -14.69 1.37
C GLU A 74 -1.21 -13.49 2.00
N GLU A 75 -1.83 -12.32 1.88
CA GLU A 75 -1.27 -11.11 2.45
C GLU A 75 -2.35 -10.37 3.21
N LYS A 76 -1.97 -9.76 4.32
CA LYS A 76 -2.91 -8.98 5.10
C LYS A 76 -2.27 -7.65 5.45
N VAL A 77 -3.10 -6.61 5.49
CA VAL A 77 -2.63 -5.27 5.81
C VAL A 77 -3.15 -4.92 7.19
N LEU A 78 -2.23 -4.74 8.13
CA LEU A 78 -2.55 -4.38 9.49
C LEU A 78 -2.30 -2.89 9.61
N THR A 79 -3.14 -2.19 10.35
CA THR A 79 -2.96 -0.76 10.48
C THR A 79 -2.82 -0.32 11.93
N PHE A 80 -2.19 0.83 12.11
CA PHE A 80 -2.02 1.39 13.44
C PHE A 80 -1.75 2.88 13.29
N ASN A 81 -2.35 3.67 14.17
CA ASN A 81 -2.16 5.11 14.12
C ASN A 81 -1.11 5.49 15.17
N TRP A 82 -0.39 6.57 14.89
CA TRP A 82 0.64 7.04 15.80
C TRP A 82 0.71 8.57 15.81
N THR A 83 0.49 9.14 16.99
CA THR A 83 0.54 10.58 17.16
C THR A 83 1.74 10.92 18.03
N PRO A 84 2.89 11.22 17.42
CA PRO A 84 4.13 11.57 18.12
C PRO A 84 3.95 12.77 19.04
N THR A 85 4.67 12.75 20.17
CA THR A 85 4.60 13.82 21.16
C THR A 85 5.90 14.63 21.20
N GLN A 86 6.99 14.02 20.74
CA GLN A 86 8.30 14.66 20.72
C GLN A 86 8.93 14.52 19.33
N GLU A 87 9.84 15.43 19.00
CA GLU A 87 10.51 15.38 17.69
C GLU A 87 11.76 14.51 17.76
N GLY A 88 12.31 14.19 16.59
CA GLY A 88 13.51 13.37 16.53
C GLY A 88 13.43 12.27 15.49
N TYR A 90 13.00 8.55 14.70
CA TYR A 90 12.48 7.33 15.29
C TYR A 90 12.60 6.13 14.34
N ARG A 91 12.85 4.95 14.90
CA ARG A 91 12.98 3.73 14.11
C ARG A 91 11.81 2.80 14.43
N ILE A 92 11.02 2.49 13.40
CA ILE A 92 9.88 1.59 13.57
C ILE A 92 10.31 0.20 13.12
N ASN A 93 10.04 -0.81 13.96
CA ASN A 93 10.38 -2.17 13.61
C ASN A 93 9.09 -2.98 13.65
N ALA A 94 8.99 -3.94 12.73
CA ALA A 94 7.83 -4.81 12.68
C ALA A 94 8.39 -6.22 12.60
N THR A 95 7.82 -7.13 13.37
CA THR A 95 8.29 -8.51 13.35
C THR A 95 7.14 -9.49 13.26
N VAL A 96 7.41 -10.65 12.67
CA VAL A 96 6.40 -11.68 12.58
C VAL A 96 7.08 -12.97 13.02
N ASP A 97 6.36 -13.76 13.83
CA ASP A 97 6.88 -15.00 14.40
C ASP A 97 8.23 -14.75 15.05
N GLU A 98 8.32 -13.70 15.86
CA GLU A 98 9.57 -13.38 16.52
C GLU A 98 10.03 -14.51 17.44
N GLU A 99 9.08 -15.26 18.00
CA GLU A 99 9.40 -16.37 18.90
C GLU A 99 9.78 -17.62 18.10
N ASN A 100 9.78 -17.47 16.79
CA ASN A 100 10.09 -18.53 15.85
C ASN A 100 9.48 -19.88 16.21
N THR A 101 8.15 -19.93 16.15
CA THR A 101 7.41 -21.15 16.43
C THR A 101 6.90 -21.74 15.11
N VAL A 102 7.24 -21.09 14.01
CA VAL A 102 6.83 -21.55 12.69
C VAL A 102 8.05 -21.80 11.80
N VAL A 103 8.22 -23.04 11.35
CA VAL A 103 9.35 -23.38 10.48
C VAL A 103 9.03 -22.83 9.09
N GLU A 104 9.88 -21.95 8.58
CA GLU A 104 9.66 -21.34 7.27
C GLU A 104 10.83 -21.52 6.33
N LEU A 105 10.61 -21.09 5.09
CA LEU A 105 11.62 -21.15 4.05
C LEU A 105 12.75 -20.17 4.39
N ASN A 106 12.41 -19.14 5.16
CA ASN A 106 13.39 -18.11 5.53
C ASN A 106 12.98 -17.47 6.85
N GLU A 107 13.90 -17.45 7.81
CA GLU A 107 13.60 -16.86 9.12
C GLU A 107 14.28 -15.49 9.20
N ASN A 108 14.99 -15.12 8.14
CA ASN A 108 15.71 -13.85 8.12
C ASN A 108 15.01 -12.71 7.38
N ASN A 109 13.76 -12.93 6.99
CA ASN A 109 12.98 -11.88 6.31
C ASN A 109 11.74 -11.61 7.15
N ASN A 110 11.85 -11.88 8.44
CA ASN A 110 10.74 -11.70 9.37
C ASN A 110 10.79 -10.38 10.12
N VAL A 111 11.71 -9.50 9.75
CA VAL A 111 11.84 -8.22 10.43
C VAL A 111 11.90 -7.05 9.45
N ALA A 112 11.11 -6.01 9.73
CA ALA A 112 11.06 -4.81 8.91
C ALA A 112 11.61 -3.63 9.71
N THR A 113 12.24 -2.70 9.01
CA THR A 113 12.80 -1.51 9.64
C THR A 113 12.32 -0.30 8.83
N PHE A 114 11.79 0.70 9.53
CA PHE A 114 11.29 1.89 8.86
C PHE A 114 11.59 3.09 9.75
N ASP A 115 12.31 4.06 9.19
CA ASP A 115 12.69 5.26 9.92
C ASP A 115 11.73 6.41 9.66
N VAL A 116 11.35 7.10 10.74
CA VAL A 116 10.42 8.22 10.65
C VAL A 116 11.00 9.46 11.33
N SER A 117 10.95 10.59 10.65
CA SER A 117 11.46 11.83 11.20
C SER A 117 10.32 12.71 11.69
N VAL A 118 10.23 12.87 13.01
CA VAL A 118 9.19 13.70 13.62
C VAL A 118 9.72 15.12 13.79
N VAL A 119 9.02 16.09 13.22
CA VAL A 119 9.43 17.48 13.31
C VAL A 119 8.32 18.37 13.86
N THR B 12 15.08 18.70 0.05
CA THR B 12 14.66 20.05 0.53
C THR B 12 14.07 20.86 -0.61
N THR B 13 12.87 20.48 -1.03
CA THR B 13 12.15 21.15 -2.12
C THR B 13 11.59 22.49 -1.67
N PHE B 14 10.94 23.21 -2.59
CA PHE B 14 10.36 24.51 -2.27
C PHE B 14 9.07 24.80 -3.05
N GLU B 15 8.06 25.28 -2.33
CA GLU B 15 6.75 25.63 -2.90
C GLU B 15 6.44 25.13 -4.30
N PHE B 16 6.15 23.84 -4.42
CA PHE B 16 5.83 23.25 -5.71
C PHE B 16 4.95 22.03 -5.48
N PRO B 17 3.98 21.80 -6.36
CA PRO B 17 3.09 20.65 -6.20
C PRO B 17 3.74 19.32 -6.59
N ASP B 18 3.15 18.23 -6.13
CA ASP B 18 3.62 16.89 -6.49
C ASP B 18 2.46 15.91 -6.39
N LEU B 19 1.93 15.55 -7.54
CA LEU B 19 0.81 14.63 -7.64
C LEU B 19 1.25 13.18 -7.60
N THR B 20 0.45 12.36 -6.93
CA THR B 20 0.74 10.93 -6.88
C THR B 20 -0.60 10.19 -6.78
N VAL B 21 -0.60 8.90 -7.07
CA VAL B 21 -1.84 8.11 -7.03
C VAL B 21 -1.63 6.71 -6.49
N GLU B 22 -2.70 6.16 -5.94
CA GLU B 22 -2.73 4.80 -5.39
C GLU B 22 -4.11 4.21 -5.67
N ILE B 23 -4.16 2.89 -5.79
CA ILE B 23 -5.42 2.19 -6.04
C ILE B 23 -5.74 1.25 -4.88
N LYS B 24 -6.98 1.28 -4.42
CA LYS B 24 -7.44 0.41 -3.35
C LYS B 24 -8.66 -0.34 -3.87
N GLY B 25 -8.86 -1.57 -3.42
CA GLY B 25 -10.01 -2.31 -3.89
C GLY B 25 -9.84 -3.81 -3.75
N PRO B 26 -10.82 -4.61 -4.23
CA PRO B 26 -10.72 -6.06 -4.14
C PRO B 26 -9.76 -6.62 -5.19
N ASP B 27 -8.92 -7.57 -4.79
CA ASP B 27 -7.96 -8.17 -5.71
C ASP B 27 -8.49 -9.50 -6.27
N VAL B 28 -9.65 -9.90 -5.77
CA VAL B 28 -10.29 -11.12 -6.26
C VAL B 28 -11.80 -10.84 -6.31
N VAL B 29 -12.36 -10.93 -7.51
CA VAL B 29 -13.79 -10.67 -7.70
C VAL B 29 -14.42 -11.71 -8.61
N GLY B 30 -15.76 -11.73 -8.63
CA GLY B 30 -16.47 -12.66 -9.47
C GLY B 30 -16.93 -12.03 -10.76
N VAL B 31 -16.94 -12.82 -11.83
CA VAL B 31 -17.37 -12.33 -13.13
C VAL B 31 -18.84 -11.93 -13.09
N ASN B 32 -19.17 -10.85 -13.81
CA ASN B 32 -20.52 -10.31 -13.89
C ASN B 32 -21.04 -9.81 -12.53
N LYS B 33 -20.10 -9.41 -11.67
CA LYS B 33 -20.43 -8.88 -10.35
C LYS B 33 -19.89 -7.45 -10.27
N LEU B 34 -20.50 -6.62 -9.44
CA LEU B 34 -20.07 -5.24 -9.29
C LEU B 34 -18.93 -5.10 -8.29
N ALA B 35 -17.79 -4.58 -8.74
CA ALA B 35 -16.64 -4.38 -7.86
C ALA B 35 -16.37 -2.89 -7.75
N GLU B 36 -16.15 -2.42 -6.52
CA GLU B 36 -15.88 -1.01 -6.30
C GLU B 36 -14.42 -0.75 -5.95
N TYR B 37 -13.82 0.22 -6.64
CA TYR B 37 -12.43 0.58 -6.40
C TYR B 37 -12.31 2.02 -6.01
N GLU B 38 -11.17 2.35 -5.40
CA GLU B 38 -10.90 3.72 -4.99
C GLU B 38 -9.58 4.14 -5.58
N VAL B 39 -9.54 5.36 -6.08
CA VAL B 39 -8.31 5.90 -6.63
C VAL B 39 -8.00 7.06 -5.71
N HIS B 40 -6.94 6.92 -4.93
CA HIS B 40 -6.53 7.96 -3.99
C HIS B 40 -5.51 8.83 -4.71
N VAL B 41 -5.88 10.08 -4.95
CA VAL B 41 -5.02 11.04 -5.63
C VAL B 41 -4.58 12.07 -4.60
N LYS B 42 -3.27 12.27 -4.47
CA LYS B 42 -2.78 13.21 -3.48
C LYS B 42 -1.81 14.24 -4.04
N ASN B 43 -1.69 15.35 -3.31
CA ASN B 43 -0.75 16.40 -3.67
C ASN B 43 0.15 16.54 -2.45
N LEU B 44 1.40 16.12 -2.61
CA LEU B 44 2.38 16.18 -1.53
C LEU B 44 3.07 17.54 -1.46
N GLY B 45 2.80 18.39 -2.44
CA GLY B 45 3.42 19.70 -2.48
C GLY B 45 2.80 20.78 -1.61
N GLY B 46 3.54 21.89 -1.46
CA GLY B 46 3.07 23.01 -0.66
C GLY B 46 2.19 23.98 -1.42
N ILE B 47 2.04 23.73 -2.72
CA ILE B 47 1.21 24.57 -3.59
C ILE B 47 0.14 23.66 -4.17
N GLY B 48 -1.07 24.19 -4.28
CA GLY B 48 -2.17 23.39 -4.81
C GLY B 48 -2.18 23.17 -6.30
N VAL B 49 -3.07 22.29 -6.74
CA VAL B 49 -3.23 22.00 -8.15
C VAL B 49 -4.71 22.22 -8.45
N PRO B 50 -5.02 23.36 -9.08
CA PRO B 50 -6.40 23.74 -9.45
C PRO B 50 -7.11 22.71 -10.29
N SER B 51 -6.41 22.12 -11.25
CA SER B 51 -7.02 21.15 -12.13
C SER B 51 -6.00 20.19 -12.78
N THR B 52 -6.27 18.89 -12.67
CA THR B 52 -5.41 17.89 -13.27
C THR B 52 -6.26 16.69 -13.65
N LYS B 53 -5.81 15.95 -14.65
CA LYS B 53 -6.55 14.79 -15.13
C LYS B 53 -6.09 13.47 -14.52
N VAL B 54 -7.06 12.66 -14.12
CA VAL B 54 -6.78 11.35 -13.56
C VAL B 54 -7.45 10.37 -14.50
N ARG B 55 -6.76 9.28 -14.81
CA ARG B 55 -7.30 8.28 -15.72
C ARG B 55 -7.11 6.91 -15.11
N VAL B 56 -8.03 6.01 -15.43
CA VAL B 56 -7.94 4.64 -14.97
C VAL B 56 -8.05 3.78 -16.22
N TYR B 57 -7.16 2.80 -16.33
CA TYR B 57 -7.13 1.88 -17.46
C TYR B 57 -7.32 0.47 -16.90
N ILE B 58 -7.92 -0.40 -17.71
CA ILE B 58 -8.12 -1.80 -17.34
C ILE B 58 -7.52 -2.54 -18.53
N ASN B 59 -6.43 -3.25 -18.28
CA ASN B 59 -5.72 -3.98 -19.33
C ASN B 59 -5.37 -3.10 -20.53
N GLY B 60 -4.90 -1.88 -20.26
CA GLY B 60 -4.51 -0.98 -21.31
C GLY B 60 -5.60 -0.15 -21.96
N THR B 61 -6.84 -0.46 -21.64
CA THR B 61 -8.00 0.24 -22.19
C THR B 61 -8.44 1.36 -21.25
N LEU B 62 -8.54 2.59 -21.76
CA LEU B 62 -9.00 3.68 -20.91
C LEU B 62 -10.40 3.35 -20.44
N TYR B 63 -10.63 3.44 -19.13
CA TYR B 63 -11.92 3.10 -18.55
C TYR B 63 -12.69 4.31 -18.05
N LYS B 64 -12.04 5.11 -17.21
CA LYS B 64 -12.69 6.30 -16.66
C LYS B 64 -11.73 7.48 -16.56
N ASN B 65 -12.30 8.68 -16.73
CA ASN B 65 -11.58 9.94 -16.68
C ASN B 65 -12.18 10.83 -15.60
N TRP B 66 -11.32 11.62 -14.96
CA TRP B 66 -11.74 12.56 -13.93
C TRP B 66 -10.87 13.80 -14.04
N THR B 67 -11.43 14.95 -13.69
CA THR B 67 -10.67 16.19 -13.65
C THR B 67 -10.80 16.53 -12.17
N VAL B 68 -9.67 16.64 -11.48
CA VAL B 68 -9.71 16.90 -10.04
C VAL B 68 -8.92 18.14 -9.62
N SER B 69 -9.29 18.69 -8.47
CA SER B 69 -8.63 19.86 -7.91
C SER B 69 -8.09 19.42 -6.56
N LEU B 70 -6.90 19.89 -6.19
CA LEU B 70 -6.31 19.53 -4.91
C LEU B 70 -5.58 20.71 -4.29
N GLY B 71 -5.74 20.89 -3.00
CA GLY B 71 -5.04 21.98 -2.35
C GLY B 71 -3.69 21.46 -1.92
N PRO B 72 -2.86 22.28 -1.26
CA PRO B 72 -1.56 21.79 -0.82
C PRO B 72 -1.72 20.67 0.21
N LYS B 73 -0.84 19.68 0.15
CA LYS B 73 -0.88 18.53 1.05
C LYS B 73 -2.30 18.05 1.31
N GLU B 74 -3.04 17.79 0.23
CA GLU B 74 -4.41 17.33 0.31
C GLU B 74 -4.59 16.03 -0.45
N GLU B 75 -5.56 15.24 -0.04
CA GLU B 75 -5.84 13.97 -0.68
C GLU B 75 -7.33 13.80 -0.92
N LYS B 76 -7.68 13.35 -2.11
CA LYS B 76 -9.08 13.12 -2.45
C LYS B 76 -9.23 11.67 -2.90
N VAL B 77 -10.35 11.07 -2.53
CA VAL B 77 -10.61 9.69 -2.90
C VAL B 77 -11.66 9.62 -4.00
N LEU B 78 -11.26 9.10 -5.15
CA LEU B 78 -12.17 8.95 -6.27
C LEU B 78 -12.63 7.52 -6.24
N THR B 79 -13.86 7.28 -6.67
CA THR B 79 -14.37 5.93 -6.69
C THR B 79 -14.96 5.63 -8.04
N PHE B 80 -14.88 4.37 -8.44
CA PHE B 80 -15.47 3.92 -9.70
C PHE B 80 -15.92 2.48 -9.50
N ASN B 81 -16.84 2.05 -10.35
CA ASN B 81 -17.39 0.70 -10.32
C ASN B 81 -16.97 0.00 -11.60
N TRP B 82 -16.79 -1.31 -11.52
CA TRP B 82 -16.42 -2.12 -12.67
C TRP B 82 -17.04 -3.52 -12.57
N THR B 83 -17.69 -3.95 -13.64
CA THR B 83 -18.32 -5.27 -13.67
C THR B 83 -17.61 -6.11 -14.73
N PRO B 84 -16.68 -6.98 -14.31
CA PRO B 84 -15.93 -7.85 -15.22
C PRO B 84 -16.88 -8.71 -16.05
N THR B 85 -16.59 -8.85 -17.34
CA THR B 85 -17.44 -9.63 -18.24
C THR B 85 -16.89 -11.03 -18.49
N GLN B 86 -15.62 -11.24 -18.18
CA GLN B 86 -15.00 -12.54 -18.39
C GLN B 86 -13.95 -12.80 -17.33
N GLU B 87 -13.76 -14.08 -17.00
CA GLU B 87 -12.79 -14.45 -15.99
C GLU B 87 -11.37 -14.29 -16.52
N GLY B 88 -10.42 -14.13 -15.61
CA GLY B 88 -9.03 -13.97 -16.02
C GLY B 88 -8.30 -12.92 -15.20
N TYR B 90 -6.66 -9.23 -14.69
CA TYR B 90 -6.86 -7.87 -15.17
C TYR B 90 -5.91 -6.91 -14.47
N ARG B 91 -5.29 -6.04 -15.26
CA ARG B 91 -4.37 -5.07 -14.69
C ARG B 91 -5.00 -3.69 -14.67
N ILE B 92 -5.16 -3.13 -13.49
CA ILE B 92 -5.74 -1.80 -13.38
C ILE B 92 -4.62 -0.80 -13.17
N ASN B 93 -4.63 0.26 -13.97
CA ASN B 93 -3.61 1.30 -13.83
C ASN B 93 -4.35 2.63 -13.62
N ALA B 94 -3.77 3.50 -12.80
CA ALA B 94 -4.35 4.81 -12.55
C ALA B 94 -3.20 5.77 -12.79
N THR B 95 -3.48 6.90 -13.42
CA THR B 95 -2.44 7.89 -13.67
C THR B 95 -2.96 9.26 -13.32
N VAL B 96 -2.04 10.17 -13.02
CA VAL B 96 -2.42 11.54 -12.71
C VAL B 96 -1.47 12.44 -13.51
N ASP B 97 -2.05 13.44 -14.16
CA ASP B 97 -1.33 14.39 -15.01
C ASP B 97 -0.47 13.70 -16.06
N GLU B 98 -1.04 12.70 -16.73
CA GLU B 98 -0.33 11.95 -17.75
C GLU B 98 0.16 12.86 -18.88
N GLU B 99 -0.61 13.90 -19.19
CA GLU B 99 -0.20 14.81 -20.25
C GLU B 99 0.86 15.79 -19.72
N ASN B 100 1.15 15.68 -18.43
CA ASN B 100 2.12 16.52 -17.74
C ASN B 100 1.94 18.01 -18.03
N THR B 101 0.79 18.54 -17.59
CA THR B 101 0.47 19.94 -17.76
C THR B 101 0.79 20.70 -16.48
N VAL B 102 1.17 19.97 -15.44
CA VAL B 102 1.53 20.60 -14.19
C VAL B 102 2.92 20.14 -13.75
N VAL B 103 3.83 21.11 -13.67
CA VAL B 103 5.20 20.84 -13.27
C VAL B 103 5.20 20.47 -11.80
N GLU B 104 5.82 19.33 -11.50
CA GLU B 104 5.87 18.81 -10.14
C GLU B 104 7.29 18.55 -9.67
N LEU B 105 7.42 18.32 -8.37
CA LEU B 105 8.72 18.02 -7.80
C LEU B 105 9.15 16.64 -8.30
N ASN B 106 8.18 15.75 -8.44
CA ASN B 106 8.43 14.39 -8.91
C ASN B 106 7.42 14.06 -10.00
N GLU B 107 7.88 13.80 -11.21
CA GLU B 107 6.97 13.47 -12.32
C GLU B 107 6.91 11.97 -12.51
N ASN B 108 7.61 11.25 -11.66
CA ASN B 108 7.71 9.80 -11.76
C ASN B 108 7.00 8.97 -10.69
N ASN B 109 6.06 9.58 -9.99
CA ASN B 109 5.31 8.86 -8.96
C ASN B 109 3.84 9.12 -9.29
N ASN B 110 3.57 9.28 -10.58
CA ASN B 110 2.24 9.59 -11.08
C ASN B 110 1.45 8.41 -11.63
N VAL B 111 1.93 7.18 -11.42
CA VAL B 111 1.25 6.01 -11.94
C VAL B 111 1.11 4.92 -10.90
N ALA B 112 -0.05 4.26 -10.87
CA ALA B 112 -0.31 3.17 -9.93
C ALA B 112 -0.76 1.93 -10.70
N THR B 113 -0.47 0.77 -10.13
CA THR B 113 -0.81 -0.52 -10.75
C THR B 113 -1.45 -1.42 -9.69
N PHE B 114 -2.52 -2.12 -10.07
CA PHE B 114 -3.24 -3.00 -9.16
C PHE B 114 -3.81 -4.17 -9.96
N ASP B 115 -3.36 -5.38 -9.65
CA ASP B 115 -3.85 -6.57 -10.36
C ASP B 115 -5.09 -7.18 -9.70
N VAL B 116 -6.04 -7.58 -10.52
CA VAL B 116 -7.28 -8.18 -10.03
C VAL B 116 -7.50 -9.52 -10.69
N SER B 117 -7.94 -10.50 -9.90
CA SER B 117 -8.22 -11.81 -10.44
C SER B 117 -9.73 -11.96 -10.51
N VAL B 118 -10.23 -12.21 -11.72
CA VAL B 118 -11.66 -12.38 -11.93
C VAL B 118 -11.90 -13.86 -12.15
N VAL B 119 -12.77 -14.45 -11.35
CA VAL B 119 -13.08 -15.87 -11.45
C VAL B 119 -14.58 -16.15 -11.51
N LEU B 120 -14.93 -17.31 -12.05
CA LEU B 120 -16.33 -17.73 -12.18
C LEU B 120 -16.83 -18.25 -10.84
N GLU B 121 -18.13 -18.55 -10.78
CA GLU B 121 -18.73 -19.06 -9.55
C GLU B 121 -20.18 -19.49 -9.78
#